data_4E8K
#
_entry.id   4E8K
#
_cell.length_a   88.447
_cell.length_b   96.247
_cell.length_c   224.354
_cell.angle_alpha   90.00
_cell.angle_beta   90.00
_cell.angle_gamma   90.00
#
_symmetry.space_group_name_H-M   'P 21 21 21'
#
loop_
_entity.id
_entity.type
_entity.pdbx_description
1 polymer 'Group IIC intron'
2 polymer "5'-R(*CP*G*AP*UP*UP*UP*AP*UP*UP*A)-3'"
3 non-polymer 'CALCIUM ION'
4 non-polymer 'POTASSIUM ION'
5 non-polymer '4-(2-HYDROXYETHYL)-1-PIPERAZINE ETHANESULFONIC ACID'
6 non-polymer SPERMINE
7 water water
#
loop_
_entity_poly.entity_id
_entity_poly.type
_entity_poly.pdbx_seq_one_letter_code
_entity_poly.pdbx_strand_id
1 'polyribonucleotide'
;GGGGUGUGCCCGGCAUGGGUGCAGUCUAUAGGGUGAGAGUCCCGAACUGUGAAGGCAGAAGUAACAGUUAGCCUAACGCA
AGGGUGUCCGUGGCGACAUGGAAUCUGAAGGAAGCGGACGGCAAACCUUCGGUCUGAGGAACACGAACUUCAUAUGAGGC
UAGGUAUCAAUGGAUGAGUUUGCAUAACAAAACAAAGUCCUUUCUGCCAAAGUUGGUACAGAGUAAAUGAAGCAGAUUGA
UGAAGGGAAAGACUGCAUUCUUACCCGGGGAGGUCUGGAAACAGAAGUCAGCAGAAGUCAUAGUACCCUGUUCGCAGGGG
AAGGACGGAACAAGUAUGGCGUUCGCGCCUAAGCUUGAACCGCCGUAUACCGAACGGUACGUACGGUGGUGUG
;
A
2 'polyribonucleotide' CGAUUUAUUA B
#